data_5TZY
#
_entry.id   5TZY
#
_cell.length_a   53.880
_cell.length_b   63.950
_cell.length_c   90.960
_cell.angle_alpha   90.00
_cell.angle_beta   90.52
_cell.angle_gamma   90.00
#
_symmetry.space_group_name_H-M   'P 1 21 1'
#
loop_
_entity.id
_entity.type
_entity.pdbx_description
1 polymer 'Free fatty acid receptor 1,Endolysin,Free fatty acid receptor 1'
2 non-polymer '(2R)-2,3-dihydroxypropyl (9Z)-octadec-9-enoate'
3 non-polymer "(5aR,6S,6aS)-3-({2',6'-dimethyl-4'-[3-(methylsulfonyl)propoxy][1,1'-biphenyl]-3-yl}methoxy)-5,5a,6,6a-tetrahydrocyclopropa[4,5]cyclopenta[1,2-c]pyridine-6-carboxylic acid"
4 non-polymer '(2S,3R)-3-cyclopropyl-3-[(2R)-2-(1-{(1S)-1-[5-fluoro-2-(trifluoromethoxy)phenyl]ethyl}piperidin-4-yl)-3,4-dihydro-2H-1-benzopyran-7-yl]-2-methylpropanoic acid'
#
_entity_poly.entity_id   1
_entity_poly.type   'polypeptide(L)'
_entity_poly.pdbx_seq_one_letter_code
;MDYKDDDDKGSATMDLPPQLSFGLYVAAFALGFPLNVLAIRGATAHARLRLTPSAVYALNLGCSDLLLTVSLPLKAVEAL
ASGAWPLPASLCPVFAVAHFFPLYAGGGFLAALSAARYLGAAFPLGYQAFRRPCYSWGVCAAIWALVLCHLGLVFGLEAP
GGWLDHSNTSLGINTPVNGSPVCLEAWDPASAGPARFSLSLLLFFLPLAITAFCFVGCLRALARGSNIFEMLRIDEGLRL
KIYKDTEGYYTIGIGHLLTKSPSLNAAKSELDKAIGRNTNGVITKDEAEKLFNQDVDAAVRGILRNAKLKPVYDSLDAVR
RAALINMVFQMGETGVAGFTNSLRMLQQKRWDEAAVNLAKSRWYNQTPNRAKRVITTFRTGTWDAYGSLTHRRKLRAAWV
AGGALLTLLLCVGPYNASNVASFLYPNLGGSWRKLGLITGAWSVVLNPLVTGYLGRGPGLKTVCAARTQGGKSQKAENLY
FQGHHHHHHHH
;
_entity_poly.pdbx_strand_id   A
#
# COMPACT_ATOMS: atom_id res chain seq x y z
N ASP A 15 14.26 22.82 -26.75
CA ASP A 15 13.15 23.24 -27.62
C ASP A 15 11.90 22.40 -27.39
N LEU A 16 10.77 23.08 -27.17
CA LEU A 16 9.46 22.46 -26.94
C LEU A 16 8.39 23.37 -27.57
N PRO A 17 7.67 22.92 -28.63
CA PRO A 17 6.67 23.80 -29.26
C PRO A 17 5.42 24.06 -28.42
N PRO A 18 4.84 25.29 -28.43
CA PRO A 18 3.64 25.54 -27.62
C PRO A 18 2.41 24.75 -28.07
N GLN A 19 2.39 24.26 -29.33
CA GLN A 19 1.31 23.47 -29.89
C GLN A 19 1.22 22.13 -29.16
N LEU A 20 2.39 21.61 -28.73
CA LEU A 20 2.50 20.35 -28.01
C LEU A 20 2.30 20.56 -26.50
N SER A 21 2.97 21.58 -25.90
CA SER A 21 2.84 21.88 -24.47
C SER A 21 1.40 22.18 -24.09
N PHE A 22 0.68 22.99 -24.91
CA PHE A 22 -0.72 23.28 -24.66
C PHE A 22 -1.54 22.00 -24.81
N GLY A 23 -1.21 21.20 -25.82
CA GLY A 23 -1.88 19.93 -26.13
C GLY A 23 -1.74 18.88 -25.04
N LEU A 24 -0.62 18.92 -24.28
CA LEU A 24 -0.33 17.99 -23.19
C LEU A 24 -0.98 18.45 -21.85
N TYR A 25 -1.01 19.77 -21.61
CA TYR A 25 -1.59 20.33 -20.39
C TYR A 25 -3.13 20.24 -20.35
N VAL A 26 -3.83 20.33 -21.52
CA VAL A 26 -5.30 20.23 -21.64
C VAL A 26 -5.76 18.75 -21.76
N ALA A 27 -4.96 17.86 -22.42
CA ALA A 27 -5.27 16.42 -22.54
C ALA A 27 -5.19 15.73 -21.15
N ALA A 28 -4.30 16.25 -20.26
CA ALA A 28 -4.11 15.80 -18.89
C ALA A 28 -5.18 16.37 -17.97
N PHE A 29 -5.73 17.57 -18.28
CA PHE A 29 -6.80 18.21 -17.50
C PHE A 29 -8.15 17.54 -17.80
N ALA A 30 -8.43 17.24 -19.10
CA ALA A 30 -9.67 16.59 -19.58
C ALA A 30 -9.81 15.18 -18.99
N LEU A 31 -8.69 14.57 -18.61
CA LEU A 31 -8.65 13.24 -18.02
C LEU A 31 -8.55 13.29 -16.50
N GLY A 32 -7.68 14.18 -15.99
CA GLY A 32 -7.43 14.38 -14.56
C GLY A 32 -8.66 14.71 -13.75
N PHE A 33 -9.35 15.78 -14.12
CA PHE A 33 -10.56 16.30 -13.51
C PHE A 33 -11.65 15.22 -13.28
N PRO A 34 -12.21 14.51 -14.30
CA PRO A 34 -13.23 13.49 -13.98
C PRO A 34 -12.82 12.31 -13.13
N LEU A 35 -11.67 11.63 -13.44
CA LEU A 35 -11.14 10.47 -12.71
C LEU A 35 -10.86 10.76 -11.27
N ASN A 36 -10.44 12.02 -10.96
CA ASN A 36 -10.17 12.51 -9.60
C ASN A 36 -11.52 12.65 -8.93
N VAL A 37 -12.54 13.10 -9.69
CA VAL A 37 -13.90 13.23 -9.18
C VAL A 37 -14.43 11.81 -8.84
N LEU A 38 -14.01 10.80 -9.62
CA LEU A 38 -14.37 9.40 -9.43
C LEU A 38 -13.60 8.87 -8.24
N ALA A 39 -12.32 9.33 -8.06
CA ALA A 39 -11.42 8.93 -6.97
C ALA A 39 -11.92 9.40 -5.62
N ILE A 40 -12.33 10.69 -5.55
CA ILE A 40 -12.87 11.36 -4.37
C ILE A 40 -14.18 10.68 -3.97
N ARG A 41 -15.11 10.51 -4.93
CA ARG A 41 -16.41 9.88 -4.72
C ARG A 41 -16.29 8.43 -4.25
N GLY A 42 -15.27 7.73 -4.75
CA GLY A 42 -14.96 6.36 -4.41
C GLY A 42 -14.56 6.22 -2.96
N ALA A 43 -13.59 7.04 -2.52
CA ALA A 43 -13.11 7.05 -1.14
C ALA A 43 -14.14 7.56 -0.14
N THR A 44 -15.10 8.38 -0.58
CA THR A 44 -16.15 8.91 0.28
C THR A 44 -17.22 7.82 0.52
N ALA A 45 -17.53 7.04 -0.52
CA ALA A 45 -18.52 5.95 -0.49
C ALA A 45 -18.04 4.77 0.34
N HIS A 46 -16.74 4.39 0.21
CA HIS A 46 -16.09 3.28 0.91
C HIS A 46 -15.71 3.57 2.39
N ALA A 47 -15.59 4.87 2.77
CA ALA A 47 -15.27 5.26 4.16
C ALA A 47 -16.56 5.48 4.96
N ARG A 48 -17.71 5.54 4.26
CA ARG A 48 -19.03 5.70 4.86
C ARG A 48 -19.50 4.31 5.28
N LEU A 49 -19.27 3.33 4.39
CA LEU A 49 -19.63 1.91 4.58
C LEU A 49 -18.72 1.20 5.61
N ARG A 50 -17.43 1.62 5.74
CA ARG A 50 -16.48 0.97 6.65
C ARG A 50 -15.50 1.88 7.41
N LEU A 51 -15.24 3.13 6.94
CA LEU A 51 -14.31 4.10 7.53
C LEU A 51 -12.85 3.59 7.49
N THR A 52 -12.46 3.04 6.32
CA THR A 52 -11.15 2.46 5.99
C THR A 52 -10.01 3.49 6.24
N PRO A 53 -8.82 3.08 6.76
CA PRO A 53 -7.74 4.04 7.02
C PRO A 53 -7.10 4.64 5.77
N SER A 54 -6.95 3.85 4.67
CA SER A 54 -6.34 4.30 3.40
C SER A 54 -7.28 5.07 2.50
N ALA A 55 -8.58 5.07 2.83
CA ALA A 55 -9.63 5.78 2.11
C ALA A 55 -9.39 7.28 2.31
N VAL A 56 -8.92 7.68 3.51
CA VAL A 56 -8.60 9.06 3.89
C VAL A 56 -7.45 9.51 3.00
N TYR A 57 -6.45 8.63 2.84
CA TYR A 57 -5.28 8.89 2.00
C TYR A 57 -5.67 9.06 0.55
N ALA A 58 -6.59 8.20 0.04
CA ALA A 58 -7.13 8.22 -1.35
C ALA A 58 -7.98 9.50 -1.63
N LEU A 59 -8.90 9.85 -0.71
CA LEU A 59 -9.74 11.03 -0.77
C LEU A 59 -8.84 12.32 -0.70
N ASN A 60 -7.86 12.34 0.24
CA ASN A 60 -6.92 13.45 0.43
C ASN A 60 -5.97 13.62 -0.72
N LEU A 61 -5.64 12.49 -1.37
CA LEU A 61 -4.80 12.48 -2.56
C LEU A 61 -5.64 13.11 -3.68
N GLY A 62 -6.89 12.65 -3.86
CA GLY A 62 -7.82 13.17 -4.87
C GLY A 62 -8.04 14.67 -4.77
N CYS A 63 -8.30 15.17 -3.54
CA CYS A 63 -8.50 16.59 -3.24
C CYS A 63 -7.28 17.39 -3.64
N SER A 64 -6.08 16.94 -3.26
CA SER A 64 -4.85 17.63 -3.63
C SER A 64 -4.62 17.50 -5.17
N ASP A 65 -4.90 16.32 -5.79
CA ASP A 65 -4.73 16.05 -7.22
C ASP A 65 -5.55 16.95 -8.12
N LEU A 66 -6.82 17.14 -7.77
CA LEU A 66 -7.74 18.01 -8.48
C LEU A 66 -7.25 19.49 -8.43
N LEU A 67 -6.57 19.89 -7.33
CA LEU A 67 -6.01 21.23 -7.12
C LEU A 67 -5.03 21.51 -8.25
N LEU A 68 -4.23 20.49 -8.64
CA LEU A 68 -3.28 20.60 -9.74
C LEU A 68 -4.03 20.61 -11.08
N THR A 69 -5.09 19.77 -11.21
CA THR A 69 -5.92 19.62 -12.41
C THR A 69 -6.55 20.93 -12.90
N VAL A 70 -7.18 21.69 -12.01
CA VAL A 70 -7.80 22.96 -12.36
C VAL A 70 -6.72 24.08 -12.58
N SER A 71 -5.46 23.81 -12.24
CA SER A 71 -4.42 24.80 -12.45
C SER A 71 -3.77 24.58 -13.83
N LEU A 72 -4.01 23.41 -14.46
CA LEU A 72 -3.47 23.04 -15.78
C LEU A 72 -3.87 24.00 -16.91
N PRO A 73 -5.12 24.51 -16.97
CA PRO A 73 -5.47 25.47 -18.04
C PRO A 73 -4.58 26.71 -18.02
N LEU A 74 -4.37 27.31 -16.83
CA LEU A 74 -3.56 28.50 -16.58
C LEU A 74 -2.12 28.23 -16.94
N LYS A 75 -1.65 26.98 -16.76
CA LYS A 75 -0.28 26.54 -17.11
C LYS A 75 -0.21 26.22 -18.62
N ALA A 76 -1.37 25.94 -19.25
CA ALA A 76 -1.47 25.70 -20.69
C ALA A 76 -1.39 27.07 -21.37
N VAL A 77 -2.17 28.07 -20.88
CA VAL A 77 -2.19 29.47 -21.38
C VAL A 77 -0.81 30.15 -21.17
N GLU A 78 -0.12 29.81 -20.05
CA GLU A 78 1.22 30.32 -19.70
C GLU A 78 2.20 29.82 -20.76
N ALA A 79 2.08 28.51 -21.13
CA ALA A 79 2.89 27.83 -22.13
C ALA A 79 2.58 28.37 -23.54
N LEU A 80 1.34 28.87 -23.73
CA LEU A 80 0.85 29.46 -24.98
C LEU A 80 1.51 30.83 -25.15
N ALA A 81 1.33 31.73 -24.15
CA ALA A 81 1.90 33.07 -24.10
C ALA A 81 3.44 33.01 -24.01
N SER A 82 4.00 31.79 -24.16
CA SER A 82 5.40 31.38 -24.14
C SER A 82 6.11 31.81 -22.85
N GLY A 83 5.74 31.15 -21.76
CA GLY A 83 6.30 31.39 -20.43
C GLY A 83 5.71 32.59 -19.70
N ALA A 84 5.26 33.62 -20.44
CA ALA A 84 4.68 34.85 -19.92
C ALA A 84 3.46 34.61 -19.04
N TRP A 85 3.34 35.39 -17.95
CA TRP A 85 2.22 35.27 -17.03
C TRP A 85 1.00 36.05 -17.55
N PRO A 86 -0.10 35.34 -17.93
CA PRO A 86 -1.26 36.04 -18.51
C PRO A 86 -2.46 36.53 -17.69
N LEU A 87 -2.44 36.34 -16.35
CA LEU A 87 -3.51 36.73 -15.41
C LEU A 87 -2.81 37.88 -14.62
N PRO A 88 -3.48 38.63 -13.69
CA PRO A 88 -2.76 39.71 -12.98
C PRO A 88 -1.69 39.20 -12.02
N ALA A 89 -0.78 40.09 -11.61
CA ALA A 89 0.32 39.78 -10.69
C ALA A 89 -0.15 39.30 -9.31
N SER A 90 -1.33 39.76 -8.85
CA SER A 90 -1.93 39.41 -7.56
C SER A 90 -2.49 37.98 -7.48
N LEU A 91 -2.38 37.20 -8.56
CA LEU A 91 -2.90 35.84 -8.61
C LEU A 91 -1.82 34.77 -8.83
N CYS A 92 -0.59 35.20 -9.11
CA CYS A 92 0.52 34.26 -9.29
C CYS A 92 0.83 33.53 -7.97
N PRO A 93 0.81 34.14 -6.73
CA PRO A 93 1.08 33.35 -5.50
C PRO A 93 0.01 32.29 -5.18
N VAL A 94 -1.15 32.39 -5.86
CA VAL A 94 -2.33 31.51 -5.78
C VAL A 94 -2.21 30.39 -6.84
N PHE A 95 -1.50 30.66 -7.95
CA PHE A 95 -1.25 29.65 -8.99
C PHE A 95 -0.15 28.71 -8.46
N ALA A 96 0.90 29.30 -7.84
CA ALA A 96 2.06 28.63 -7.24
C ALA A 96 1.61 27.62 -6.20
N VAL A 97 0.73 28.07 -5.26
CA VAL A 97 0.16 27.23 -4.21
C VAL A 97 -0.75 26.15 -4.84
N ALA A 98 -1.50 26.47 -5.89
CA ALA A 98 -2.37 25.48 -6.51
C ALA A 98 -1.64 24.45 -7.38
N HIS A 99 -0.54 24.85 -8.03
CA HIS A 99 0.20 23.96 -8.92
C HIS A 99 1.25 23.14 -8.21
N PHE A 100 2.26 23.80 -7.61
CA PHE A 100 3.39 23.17 -6.95
C PHE A 100 3.13 22.47 -5.59
N PHE A 101 1.95 22.66 -4.95
CA PHE A 101 1.67 21.95 -3.70
C PHE A 101 1.42 20.46 -4.05
N PRO A 102 0.43 20.12 -4.95
CA PRO A 102 0.20 18.71 -5.33
C PRO A 102 1.37 17.95 -5.95
N LEU A 103 2.38 18.66 -6.56
CA LEU A 103 3.58 18.09 -7.18
C LEU A 103 4.48 17.49 -6.09
N TYR A 104 4.40 18.04 -4.87
CA TYR A 104 5.17 17.57 -3.71
C TYR A 104 4.33 16.75 -2.73
N ALA A 105 3.07 17.21 -2.49
CA ALA A 105 2.08 16.59 -1.60
C ALA A 105 1.82 15.13 -1.91
N GLY A 106 1.43 14.81 -3.16
CA GLY A 106 1.15 13.45 -3.67
C GLY A 106 2.04 12.34 -3.15
N GLY A 107 3.34 12.64 -3.00
CA GLY A 107 4.36 11.74 -2.48
C GLY A 107 4.08 11.31 -1.06
N GLY A 108 3.73 12.27 -0.20
CA GLY A 108 3.40 12.03 1.20
C GLY A 108 2.17 11.15 1.40
N PHE A 109 1.16 11.29 0.50
CA PHE A 109 -0.08 10.50 0.58
C PHE A 109 0.16 9.06 0.09
N LEU A 110 0.76 8.89 -1.12
CA LEU A 110 1.10 7.61 -1.75
C LEU A 110 2.12 6.82 -0.90
N ALA A 111 2.79 7.48 0.08
CA ALA A 111 3.75 6.90 1.00
C ALA A 111 3.03 6.32 2.22
N ALA A 112 1.94 6.98 2.66
CA ALA A 112 1.10 6.57 3.78
C ALA A 112 0.03 5.58 3.29
N LEU A 113 -0.45 5.75 2.04
CA LEU A 113 -1.46 4.89 1.38
C LEU A 113 -0.87 3.53 1.12
N SER A 114 0.34 3.51 0.56
CA SER A 114 1.15 2.33 0.28
C SER A 114 1.63 1.73 1.63
N ALA A 115 1.84 2.59 2.70
CA ALA A 115 2.25 2.14 4.04
C ALA A 115 1.12 1.36 4.73
N ALA A 116 -0.13 1.90 4.65
CA ALA A 116 -1.38 1.33 5.18
C ALA A 116 -1.65 -0.02 4.56
N ARG A 117 -1.31 -0.16 3.26
CA ARG A 117 -1.47 -1.36 2.44
C ARG A 117 -0.47 -2.42 2.85
N TYR A 118 0.79 -2.01 3.15
CA TYR A 118 1.84 -2.92 3.57
C TYR A 118 1.63 -3.43 5.00
N LEU A 119 1.25 -2.53 5.93
CA LEU A 119 0.98 -2.84 7.34
C LEU A 119 -0.11 -3.86 7.55
N GLY A 120 -1.07 -3.89 6.64
CA GLY A 120 -2.19 -4.81 6.63
C GLY A 120 -1.93 -5.99 5.72
N ALA A 121 -0.72 -6.05 5.13
CA ALA A 121 -0.29 -7.14 4.25
C ALA A 121 0.67 -8.00 5.02
N ALA A 122 1.65 -7.36 5.69
CA ALA A 122 2.65 -8.06 6.48
C ALA A 122 2.20 -8.34 7.91
N PHE A 123 1.46 -7.40 8.54
CA PHE A 123 1.00 -7.56 9.94
C PHE A 123 -0.51 -7.28 10.03
N PRO A 124 -1.37 -8.25 9.63
CA PRO A 124 -2.82 -7.99 9.61
C PRO A 124 -3.57 -7.94 10.92
N LEU A 125 -3.21 -8.74 11.94
CA LEU A 125 -3.91 -8.78 13.23
C LEU A 125 -3.50 -7.66 14.19
N GLY A 126 -2.29 -7.16 14.02
CA GLY A 126 -1.76 -6.06 14.82
C GLY A 126 -2.30 -4.73 14.36
N TYR A 127 -2.21 -4.46 13.05
CA TYR A 127 -2.68 -3.21 12.43
C TYR A 127 -4.18 -3.01 12.54
N GLN A 128 -4.96 -4.07 12.33
CA GLN A 128 -6.42 -4.05 12.39
C GLN A 128 -6.90 -3.55 13.75
N ALA A 129 -6.13 -3.86 14.80
CA ALA A 129 -6.42 -3.45 16.16
C ALA A 129 -5.90 -2.05 16.42
N PHE A 130 -4.78 -1.66 15.77
CA PHE A 130 -4.16 -0.35 15.92
C PHE A 130 -4.86 0.81 15.23
N ARG A 131 -4.95 0.73 13.91
CA ARG A 131 -5.58 1.70 13.05
C ARG A 131 -7.01 2.15 13.22
N ARG A 132 -7.18 3.46 13.24
CA ARG A 132 -8.47 4.11 13.19
C ARG A 132 -8.51 5.32 12.25
N PRO A 133 -9.69 5.81 11.79
CA PRO A 133 -9.71 6.93 10.85
C PRO A 133 -8.97 8.20 11.26
N CYS A 134 -9.26 8.73 12.46
CA CYS A 134 -8.67 9.94 13.06
C CYS A 134 -7.14 9.95 13.00
N TYR A 135 -6.52 8.76 13.16
CA TYR A 135 -5.07 8.57 13.09
C TYR A 135 -4.61 8.97 11.67
N SER A 136 -5.25 8.39 10.63
CA SER A 136 -4.96 8.66 9.22
C SER A 136 -5.17 10.12 8.82
N TRP A 137 -6.14 10.85 9.46
CA TRP A 137 -6.41 12.29 9.20
C TRP A 137 -5.22 13.07 9.76
N GLY A 138 -4.67 12.58 10.88
CA GLY A 138 -3.52 13.15 11.56
C GLY A 138 -2.30 13.20 10.65
N VAL A 139 -2.05 12.12 9.89
CA VAL A 139 -0.93 12.02 8.93
C VAL A 139 -1.09 13.08 7.81
N CYS A 140 -2.28 13.14 7.15
CA CYS A 140 -2.59 14.08 6.07
C CYS A 140 -2.55 15.51 6.56
N ALA A 141 -2.99 15.74 7.80
CA ALA A 141 -2.98 17.05 8.44
C ALA A 141 -1.54 17.53 8.58
N ALA A 142 -0.60 16.60 8.90
CA ALA A 142 0.81 16.90 9.02
C ALA A 142 1.41 17.05 7.60
N ILE A 143 0.84 16.34 6.58
CA ILE A 143 1.28 16.42 5.18
C ILE A 143 0.97 17.82 4.62
N TRP A 144 -0.31 18.26 4.70
CA TRP A 144 -0.77 19.57 4.23
C TRP A 144 0.06 20.67 4.84
N ALA A 145 0.23 20.65 6.17
CA ALA A 145 1.02 21.63 6.92
C ALA A 145 2.49 21.65 6.48
N LEU A 146 3.16 20.47 6.39
CA LEU A 146 4.57 20.36 6.00
C LEU A 146 4.87 21.00 4.65
N VAL A 147 4.18 20.55 3.58
CA VAL A 147 4.39 21.07 2.22
C VAL A 147 4.01 22.57 2.17
N LEU A 148 2.88 22.98 2.76
CA LEU A 148 2.46 24.39 2.76
C LEU A 148 3.43 25.31 3.44
N CYS A 149 4.20 24.78 4.41
CA CYS A 149 5.19 25.55 5.17
C CYS A 149 6.55 25.54 4.51
N HIS A 150 6.95 24.39 3.91
CA HIS A 150 8.22 24.26 3.20
C HIS A 150 8.14 25.11 1.96
N LEU A 151 7.01 25.07 1.23
CA LEU A 151 6.84 25.89 0.05
C LEU A 151 6.70 27.35 0.49
N GLY A 152 5.83 27.60 1.47
CA GLY A 152 5.53 28.90 2.06
C GLY A 152 6.74 29.72 2.46
N LEU A 153 7.66 29.08 3.20
CA LEU A 153 8.90 29.72 3.66
C LEU A 153 9.88 29.95 2.51
N VAL A 154 10.03 28.99 1.59
CA VAL A 154 10.91 29.10 0.41
C VAL A 154 10.35 30.20 -0.53
N PHE A 155 9.01 30.37 -0.56
CA PHE A 155 8.31 31.35 -1.38
C PHE A 155 8.34 32.74 -0.76
N GLY A 156 8.12 32.81 0.54
CA GLY A 156 8.12 34.07 1.28
C GLY A 156 9.49 34.66 1.52
N LEU A 157 10.56 33.94 1.12
CA LEU A 157 11.92 34.40 1.31
C LEU A 157 12.74 34.41 0.02
N GLU A 158 13.18 33.24 -0.45
CA GLU A 158 14.03 33.10 -1.63
C GLU A 158 13.38 33.57 -2.96
N ALA A 159 12.11 33.20 -3.21
CA ALA A 159 11.37 33.55 -4.44
C ALA A 159 11.34 35.06 -4.73
N PRO A 160 11.42 35.48 -6.02
CA PRO A 160 11.44 36.91 -6.35
C PRO A 160 10.17 37.69 -5.98
N GLY A 161 10.28 38.51 -4.94
CA GLY A 161 9.18 39.34 -4.44
C GLY A 161 8.91 39.18 -2.97
N GLY A 162 9.90 38.68 -2.24
CA GLY A 162 9.81 38.45 -0.80
C GLY A 162 10.55 39.47 0.02
N TRP A 163 10.73 39.18 1.32
CA TRP A 163 11.43 40.04 2.26
C TRP A 163 12.96 39.94 2.16
N LEU A 164 13.44 39.16 1.17
CA LEU A 164 14.86 38.96 0.91
C LEU A 164 15.28 39.71 -0.34
N ASP A 165 14.40 39.74 -1.36
CA ASP A 165 14.65 40.43 -2.61
C ASP A 165 14.06 41.84 -2.57
N HIS A 166 14.95 42.85 -2.42
CA HIS A 166 14.56 44.25 -2.38
C HIS A 166 14.49 44.74 -3.82
N SER A 167 13.34 44.49 -4.47
CA SER A 167 13.07 44.86 -5.86
C SER A 167 11.61 45.31 -6.05
N ASN A 168 11.37 46.22 -7.02
CA ASN A 168 10.03 46.75 -7.33
C ASN A 168 9.11 45.72 -7.99
N THR A 169 9.69 44.62 -8.54
CA THR A 169 8.95 43.54 -9.20
C THR A 169 7.96 42.89 -8.23
N SER A 170 6.75 42.59 -8.71
CA SER A 170 5.69 41.99 -7.88
C SER A 170 6.00 40.58 -7.38
N LEU A 171 5.19 40.11 -6.42
CA LEU A 171 5.25 38.81 -5.74
C LEU A 171 5.27 37.59 -6.65
N GLY A 172 6.40 36.88 -6.66
CA GLY A 172 6.62 35.70 -7.48
C GLY A 172 6.77 36.02 -8.95
N ILE A 173 6.74 37.33 -9.31
CA ILE A 173 6.84 37.90 -10.68
C ILE A 173 8.26 38.43 -11.04
N ASN A 174 8.75 38.03 -12.23
CA ASN A 174 10.02 38.42 -12.82
C ASN A 174 9.77 39.16 -14.12
N THR A 175 10.46 40.27 -14.32
CA THR A 175 10.32 41.05 -15.54
C THR A 175 11.65 41.02 -16.29
N PRO A 176 11.77 40.23 -17.37
CA PRO A 176 13.05 40.17 -18.10
C PRO A 176 13.36 41.45 -18.87
N ASN A 178 13.96 42.83 -21.68
CA ASN A 178 12.77 43.38 -22.32
C ASN A 178 11.80 42.26 -22.65
N GLY A 179 10.54 42.44 -22.26
CA GLY A 179 9.47 41.47 -22.49
C GLY A 179 8.28 41.61 -21.56
N SER A 180 7.49 40.54 -21.45
CA SER A 180 6.29 40.49 -20.61
C SER A 180 6.58 39.79 -19.27
N PRO A 181 5.99 40.24 -18.13
CA PRO A 181 6.26 39.59 -16.83
C PRO A 181 5.91 38.09 -16.77
N VAL A 182 6.85 37.29 -16.25
CA VAL A 182 6.77 35.84 -16.09
C VAL A 182 6.65 35.52 -14.58
N CYS A 183 5.82 34.53 -14.21
CA CYS A 183 5.61 34.12 -12.83
C CYS A 183 6.44 32.88 -12.45
N LEU A 184 7.46 33.07 -11.56
CA LEU A 184 8.42 32.10 -10.96
C LEU A 184 9.43 31.40 -11.88
N GLU A 185 9.03 31.01 -13.09
CA GLU A 185 9.90 30.26 -14.03
C GLU A 185 11.16 31.02 -14.46
N ALA A 186 11.10 32.36 -14.44
CA ALA A 186 12.21 33.22 -14.81
C ALA A 186 13.17 33.55 -13.63
N TRP A 187 13.03 32.82 -12.49
CA TRP A 187 13.84 33.02 -11.30
C TRP A 187 15.33 32.88 -11.55
N ASP A 188 16.13 33.74 -10.87
CA ASP A 188 17.59 33.82 -10.92
C ASP A 188 18.21 32.43 -10.72
N PRO A 189 18.85 31.82 -11.76
CA PRO A 189 19.41 30.47 -11.63
C PRO A 189 20.29 30.19 -10.41
N ALA A 190 20.99 31.22 -9.93
CA ALA A 190 21.89 31.15 -8.77
C ALA A 190 21.14 30.86 -7.47
N SER A 191 19.89 31.31 -7.36
CA SER A 191 19.07 31.11 -6.16
C SER A 191 17.95 30.11 -6.37
N ALA A 192 17.41 30.05 -7.61
CA ALA A 192 16.34 29.15 -8.00
C ALA A 192 16.73 27.69 -7.84
N GLY A 193 17.99 27.38 -8.14
CA GLY A 193 18.54 26.03 -8.03
C GLY A 193 18.51 25.50 -6.60
N PRO A 194 19.33 26.07 -5.67
CA PRO A 194 19.34 25.59 -4.27
C PRO A 194 18.00 25.55 -3.52
N ALA A 195 17.05 26.44 -3.85
CA ALA A 195 15.73 26.47 -3.21
C ALA A 195 14.84 25.32 -3.67
N ARG A 196 14.98 24.92 -4.96
CA ARG A 196 14.24 23.82 -5.61
C ARG A 196 14.85 22.46 -5.26
N PHE A 197 16.16 22.45 -4.96
CA PHE A 197 16.89 21.25 -4.58
C PHE A 197 16.53 20.77 -3.18
N SER A 198 16.38 21.69 -2.21
CA SER A 198 16.02 21.33 -0.82
C SER A 198 14.60 20.77 -0.74
N LEU A 199 13.70 21.25 -1.62
CA LEU A 199 12.31 20.80 -1.69
C LEU A 199 12.26 19.36 -2.16
N SER A 200 13.03 19.06 -3.21
CA SER A 200 13.12 17.72 -3.81
C SER A 200 13.79 16.75 -2.84
N LEU A 201 14.97 17.13 -2.31
CA LEU A 201 15.78 16.33 -1.38
C LEU A 201 14.98 15.83 -0.18
N LEU A 202 14.27 16.75 0.48
CA LEU A 202 13.47 16.49 1.66
C LEU A 202 12.13 15.84 1.37
N LEU A 203 11.22 16.60 0.70
CA LEU A 203 9.83 16.27 0.34
C LEU A 203 9.65 15.21 -0.78
N PHE A 204 10.73 14.65 -1.34
CA PHE A 204 10.54 13.65 -2.39
C PHE A 204 11.30 12.37 -2.22
N PHE A 205 12.61 12.44 -1.91
CA PHE A 205 13.36 11.19 -1.81
C PHE A 205 12.97 10.36 -0.61
N LEU A 206 12.55 11.01 0.50
CA LEU A 206 12.12 10.29 1.70
C LEU A 206 10.73 9.60 1.51
N PRO A 207 9.63 10.29 1.03
CA PRO A 207 8.36 9.55 0.79
C PRO A 207 8.49 8.45 -0.24
N LEU A 208 9.43 8.61 -1.23
CA LEU A 208 9.74 7.63 -2.29
C LEU A 208 10.28 6.30 -1.69
N ALA A 209 11.17 6.42 -0.66
CA ALA A 209 11.79 5.30 0.05
C ALA A 209 10.77 4.38 0.74
N ILE A 210 9.79 4.97 1.46
CA ILE A 210 8.73 4.23 2.16
C ILE A 210 7.92 3.42 1.14
N THR A 211 7.40 4.07 0.05
CA THR A 211 6.61 3.47 -1.04
C THR A 211 7.31 2.26 -1.64
N ALA A 212 8.62 2.41 -1.96
CA ALA A 212 9.49 1.37 -2.52
C ALA A 212 9.63 0.22 -1.49
N PHE A 213 10.03 0.54 -0.25
CA PHE A 213 10.21 -0.42 0.84
C PHE A 213 8.90 -1.17 1.17
N CYS A 214 7.75 -0.51 0.95
CA CYS A 214 6.42 -1.10 1.18
C CYS A 214 6.10 -2.07 0.07
N PHE A 215 6.37 -1.67 -1.20
CA PHE A 215 6.17 -2.50 -2.39
C PHE A 215 6.96 -3.78 -2.23
N VAL A 216 8.19 -3.66 -1.67
CA VAL A 216 9.14 -4.75 -1.39
C VAL A 216 8.51 -5.67 -0.35
N GLY A 217 8.06 -5.09 0.76
CA GLY A 217 7.43 -5.80 1.86
C GLY A 217 6.16 -6.53 1.47
N CYS A 218 5.40 -5.94 0.53
CA CYS A 218 4.14 -6.48 0.02
C CYS A 218 4.46 -7.70 -0.81
N LEU A 219 5.56 -7.66 -1.61
CA LEU A 219 6.02 -8.79 -2.44
C LEU A 219 6.46 -9.95 -1.52
N ARG A 220 7.13 -9.59 -0.40
CA ARG A 220 7.64 -10.50 0.60
C ARG A 220 6.52 -11.09 1.49
N ALA A 221 5.33 -10.46 1.50
CA ALA A 221 4.16 -10.90 2.26
C ALA A 221 3.42 -11.94 1.42
N LEU A 222 3.70 -11.96 0.10
CA LEU A 222 3.12 -12.89 -0.85
C LEU A 222 3.78 -14.25 -0.68
N ALA A 223 5.13 -14.28 -0.68
CA ALA A 223 5.93 -15.50 -0.53
C ALA A 223 5.89 -16.12 0.88
N ARG A 224 5.50 -15.35 1.91
CA ARG A 224 5.45 -15.80 3.31
C ARG A 224 4.20 -16.61 3.71
N GLY A 225 3.09 -16.45 2.99
CA GLY A 225 1.84 -17.15 3.29
C GLY A 225 1.86 -18.65 3.06
N SER A 226 0.91 -19.37 3.70
CA SER A 226 0.75 -20.83 3.58
C SER A 226 -0.74 -21.17 3.61
N ASN A 227 -1.24 -21.77 2.52
CA ASN A 227 -2.64 -22.15 2.38
C ASN A 227 -3.26 -22.79 3.62
N ILE A 228 -2.61 -23.83 4.19
CA ILE A 228 -3.11 -24.55 5.37
C ILE A 228 -3.07 -23.70 6.64
N PHE A 229 -2.11 -22.76 6.75
CA PHE A 229 -2.05 -21.89 7.94
C PHE A 229 -3.37 -21.14 8.00
N GLU A 230 -3.71 -20.44 6.91
CA GLU A 230 -4.94 -19.67 6.79
C GLU A 230 -6.18 -20.55 7.01
N MET A 231 -6.08 -21.87 6.73
CA MET A 231 -7.14 -22.86 6.90
C MET A 231 -7.28 -23.29 8.36
N LEU A 232 -6.19 -23.20 9.12
CA LEU A 232 -6.19 -23.55 10.55
C LEU A 232 -6.33 -22.31 11.45
N ARG A 233 -6.10 -21.10 10.88
CA ARG A 233 -6.22 -19.79 11.54
C ARG A 233 -7.72 -19.51 11.69
N ILE A 234 -8.53 -19.92 10.68
CA ILE A 234 -9.98 -19.79 10.65
C ILE A 234 -10.60 -20.87 11.59
N ASP A 235 -10.09 -22.14 11.51
CA ASP A 235 -10.55 -23.30 12.29
C ASP A 235 -10.42 -23.15 13.81
N GLU A 236 -9.24 -22.73 14.32
CA GLU A 236 -9.00 -22.55 15.75
C GLU A 236 -8.88 -21.09 16.17
N GLY A 237 -7.77 -20.44 15.81
CA GLY A 237 -7.49 -19.04 16.14
C GLY A 237 -6.24 -18.87 16.96
N GLU A 247 -7.17 -29.31 29.12
CA GLU A 247 -6.13 -28.66 29.90
C GLU A 247 -6.26 -27.14 29.89
N GLY A 248 -6.41 -26.55 28.70
CA GLY A 248 -6.54 -25.11 28.51
C GLY A 248 -5.35 -24.29 28.97
N TYR A 249 -4.14 -24.86 28.85
CA TYR A 249 -2.87 -24.26 29.25
C TYR A 249 -2.54 -23.03 28.40
N TYR A 250 -2.13 -21.94 29.08
CA TYR A 250 -1.76 -20.66 28.46
C TYR A 250 -0.47 -20.78 27.64
N THR A 251 -0.58 -20.60 26.32
CA THR A 251 0.53 -20.67 25.37
C THR A 251 0.38 -19.58 24.29
N ILE A 252 1.35 -19.47 23.36
CA ILE A 252 1.35 -18.50 22.27
C ILE A 252 1.50 -19.17 20.89
N GLY A 253 1.07 -18.45 19.85
CA GLY A 253 1.13 -18.90 18.46
C GLY A 253 0.00 -19.84 18.06
N ILE A 254 -0.04 -20.21 16.76
CA ILE A 254 -1.04 -21.10 16.19
C ILE A 254 -0.80 -22.52 16.70
N GLY A 255 -1.27 -22.78 17.91
CA GLY A 255 -1.16 -24.07 18.58
C GLY A 255 0.22 -24.54 18.99
N HIS A 256 1.28 -23.68 18.86
CA HIS A 256 2.62 -24.08 19.26
C HIS A 256 2.72 -24.02 20.79
N LEU A 257 2.39 -25.15 21.46
CA LEU A 257 2.39 -25.31 22.92
C LEU A 257 3.75 -24.99 23.52
N LEU A 258 3.78 -24.07 24.49
CA LEU A 258 5.00 -23.63 25.13
C LEU A 258 5.53 -24.60 26.16
N THR A 259 4.88 -24.67 27.33
CA THR A 259 5.27 -25.54 28.46
C THR A 259 4.05 -25.91 29.32
N LYS A 260 4.23 -26.91 30.21
CA LYS A 260 3.18 -27.37 31.12
C LYS A 260 3.30 -26.71 32.50
N SER A 261 4.48 -26.16 32.81
CA SER A 261 4.80 -25.51 34.09
C SER A 261 4.78 -23.97 33.96
N PRO A 262 4.24 -23.22 34.95
CA PRO A 262 4.23 -21.74 34.83
C PRO A 262 5.57 -21.12 35.16
N LEU A 264 5.92 -17.82 34.63
CA LEU A 264 5.89 -17.46 33.21
C LEU A 264 7.27 -17.18 32.62
N ASN A 265 8.21 -16.68 33.45
CA ASN A 265 9.58 -16.36 33.04
C ASN A 265 10.28 -17.54 32.35
N ALA A 266 9.93 -18.78 32.77
CA ALA A 266 10.46 -20.01 32.21
C ALA A 266 9.84 -20.26 30.82
N ALA A 267 8.56 -19.88 30.64
CA ALA A 267 7.86 -20.06 29.36
C ALA A 267 8.32 -19.01 28.34
N LYS A 268 8.77 -17.84 28.82
CA LYS A 268 9.24 -16.71 28.01
C LYS A 268 10.43 -17.05 27.09
N SER A 269 11.57 -17.49 27.67
CA SER A 269 12.77 -17.83 26.90
C SER A 269 12.61 -19.08 26.04
N GLU A 270 11.55 -19.89 26.29
CA GLU A 270 11.23 -21.10 25.53
C GLU A 270 10.73 -20.66 24.14
N LEU A 271 10.17 -19.44 24.06
CA LEU A 271 9.66 -18.80 22.86
C LEU A 271 10.76 -17.92 22.23
N ASP A 272 11.58 -17.27 23.06
CA ASP A 272 12.66 -16.37 22.65
C ASP A 272 13.85 -17.08 21.99
N LYS A 273 14.27 -18.25 22.53
CA LYS A 273 15.39 -19.04 21.99
C LYS A 273 15.00 -19.83 20.73
N ALA A 274 13.68 -20.00 20.51
CA ALA A 274 13.08 -20.71 19.38
C ALA A 274 12.99 -19.86 18.09
N ILE A 275 12.96 -18.52 18.24
CA ILE A 275 12.87 -17.59 17.11
C ILE A 275 14.10 -16.67 17.00
N GLY A 276 14.67 -16.30 18.15
CA GLY A 276 15.83 -15.40 18.24
C GLY A 276 15.46 -14.08 18.90
N ARG A 277 14.34 -13.47 18.44
CA ARG A 277 13.79 -12.20 18.92
C ARG A 277 13.18 -12.31 20.31
N ASN A 278 13.36 -11.26 21.13
CA ASN A 278 12.85 -11.20 22.49
C ASN A 278 11.35 -10.87 22.53
N THR A 279 10.63 -11.48 23.50
CA THR A 279 9.18 -11.37 23.79
C THR A 279 8.30 -11.65 22.56
N GLU A 287 5.66 -14.78 11.87
CA GLU A 287 6.49 -15.25 12.99
C GLU A 287 5.89 -16.53 13.59
N ALA A 288 4.56 -16.57 13.74
CA ALA A 288 3.81 -17.71 14.25
C ALA A 288 3.70 -18.79 13.15
N GLU A 289 4.08 -18.44 11.91
CA GLU A 289 4.08 -19.32 10.75
C GLU A 289 5.23 -20.29 10.88
N LYS A 290 6.45 -19.80 11.25
CA LYS A 290 7.64 -20.61 11.46
C LYS A 290 7.40 -21.62 12.60
N LEU A 291 6.65 -21.20 13.64
CA LEU A 291 6.30 -22.02 14.79
C LEU A 291 5.15 -23.00 14.46
N PHE A 292 4.32 -22.69 13.43
CA PHE A 292 3.22 -23.55 12.99
C PHE A 292 3.77 -24.57 12.02
N ASN A 293 4.69 -24.12 11.16
CA ASN A 293 5.36 -24.92 10.15
C ASN A 293 6.12 -26.04 10.85
N GLN A 294 6.98 -25.70 11.85
CA GLN A 294 7.77 -26.66 12.64
C GLN A 294 6.84 -27.64 13.37
N ASP A 295 5.69 -27.13 13.88
CA ASP A 295 4.65 -27.90 14.57
C ASP A 295 4.01 -28.91 13.60
N VAL A 296 3.68 -28.48 12.37
CA VAL A 296 3.06 -29.31 11.32
C VAL A 296 4.06 -30.31 10.73
N ASP A 297 5.35 -29.90 10.56
CA ASP A 297 6.44 -30.72 10.03
C ASP A 297 6.68 -32.00 10.84
N ALA A 298 6.38 -31.94 12.15
CA ALA A 298 6.49 -33.03 13.09
C ALA A 298 5.15 -33.76 13.17
N ALA A 299 4.03 -33.03 12.95
CA ALA A 299 2.69 -33.60 12.97
C ALA A 299 2.47 -34.59 11.81
N VAL A 300 3.19 -34.40 10.68
CA VAL A 300 3.13 -35.29 9.51
C VAL A 300 3.87 -36.59 9.87
N ARG A 301 4.95 -36.47 10.69
CA ARG A 301 5.75 -37.60 11.16
C ARG A 301 4.96 -38.53 12.10
N GLY A 302 3.90 -37.99 12.72
CA GLY A 302 2.99 -38.71 13.61
C GLY A 302 1.94 -39.48 12.86
N ILE A 303 1.55 -38.99 11.65
CA ILE A 303 0.56 -39.60 10.74
C ILE A 303 1.22 -40.84 10.11
N LEU A 304 2.50 -40.70 9.71
CA LEU A 304 3.29 -41.77 9.10
C LEU A 304 3.53 -42.89 10.13
N ARG A 305 3.73 -42.51 11.41
CA ARG A 305 3.95 -43.41 12.54
C ARG A 305 2.72 -44.30 12.74
N ASN A 306 1.52 -43.71 12.70
CA ASN A 306 0.27 -44.45 12.85
C ASN A 306 -0.10 -45.09 11.52
N ALA A 307 0.26 -46.39 11.37
CA ALA A 307 0.06 -47.24 10.19
C ALA A 307 -1.38 -47.33 9.66
N LYS A 308 -2.39 -46.97 10.48
CA LYS A 308 -3.80 -47.01 10.08
C LYS A 308 -4.16 -45.79 9.22
N LEU A 309 -3.34 -44.71 9.31
CA LEU A 309 -3.53 -43.46 8.58
C LEU A 309 -2.61 -43.28 7.37
N LYS A 310 -1.35 -43.72 7.49
CA LYS A 310 -0.30 -43.65 6.47
C LYS A 310 -0.78 -43.99 5.03
N PRO A 311 -1.50 -45.11 4.73
CA PRO A 311 -1.90 -45.36 3.33
C PRO A 311 -2.87 -44.31 2.81
N VAL A 312 -3.83 -43.89 3.67
CA VAL A 312 -4.84 -42.91 3.35
C VAL A 312 -4.19 -41.57 2.97
N TYR A 313 -3.21 -41.08 3.78
CA TYR A 313 -2.50 -39.82 3.49
C TYR A 313 -1.78 -39.91 2.15
N ASP A 314 -1.05 -41.02 1.90
CA ASP A 314 -0.28 -41.22 0.67
C ASP A 314 -1.09 -41.37 -0.62
N SER A 315 -2.41 -41.61 -0.53
CA SER A 315 -3.28 -41.73 -1.69
C SER A 315 -4.16 -40.48 -1.87
N LEU A 316 -4.26 -39.66 -0.81
CA LEU A 316 -5.05 -38.43 -0.79
C LEU A 316 -4.49 -37.24 -1.56
N ASP A 317 -5.35 -36.23 -1.75
CA ASP A 317 -5.08 -34.95 -2.41
C ASP A 317 -4.08 -34.11 -1.60
N ALA A 318 -3.41 -33.14 -2.25
CA ALA A 318 -2.46 -32.25 -1.56
C ALA A 318 -3.42 -31.37 -0.75
N VAL A 319 -4.58 -31.05 -1.34
CA VAL A 319 -5.65 -30.26 -0.76
C VAL A 319 -6.28 -31.05 0.40
N ARG A 320 -6.70 -32.32 0.16
CA ARG A 320 -7.34 -33.21 1.15
C ARG A 320 -6.42 -33.68 2.27
N ARG A 321 -5.09 -33.66 2.05
CA ARG A 321 -4.09 -34.06 3.06
C ARG A 321 -4.10 -33.06 4.22
N ALA A 322 -4.34 -31.76 3.93
CA ALA A 322 -4.42 -30.60 4.84
C ALA A 322 -5.73 -30.63 5.65
N ALA A 323 -6.76 -31.34 5.12
CA ALA A 323 -8.07 -31.50 5.76
C ALA A 323 -7.97 -32.60 6.83
N LEU A 324 -6.97 -33.49 6.68
CA LEU A 324 -6.70 -34.59 7.60
C LEU A 324 -5.82 -34.05 8.76
N ILE A 325 -4.81 -33.20 8.44
CA ILE A 325 -3.90 -32.56 9.41
C ILE A 325 -4.71 -31.66 10.36
N ASN A 326 -5.87 -31.15 9.87
CA ASN A 326 -6.82 -30.31 10.61
C ASN A 326 -7.41 -31.13 11.78
N MET A 327 -7.80 -32.40 11.50
CA MET A 327 -8.38 -33.36 12.46
C MET A 327 -7.30 -33.91 13.38
N VAL A 328 -6.07 -34.06 12.86
CA VAL A 328 -4.93 -34.57 13.61
C VAL A 328 -4.58 -33.58 14.72
N PHE A 329 -4.59 -32.26 14.40
CA PHE A 329 -4.30 -31.19 15.36
C PHE A 329 -5.40 -31.09 16.41
N GLN A 330 -6.65 -31.32 15.97
CA GLN A 330 -7.89 -31.26 16.75
C GLN A 330 -8.13 -32.43 17.72
N MET A 331 -8.05 -33.68 17.23
CA MET A 331 -8.30 -34.92 17.99
C MET A 331 -7.02 -35.62 18.43
N GLY A 332 -6.21 -35.99 17.45
CA GLY A 332 -4.96 -36.71 17.59
C GLY A 332 -4.97 -37.91 16.68
N GLU A 333 -3.84 -38.64 16.63
CA GLU A 333 -3.68 -39.83 15.77
C GLU A 333 -4.58 -41.00 16.24
N THR A 334 -5.13 -40.90 17.46
CA THR A 334 -6.01 -41.89 18.06
C THR A 334 -7.41 -41.74 17.47
N GLY A 335 -7.94 -40.51 17.54
CA GLY A 335 -9.25 -40.16 17.02
C GLY A 335 -9.36 -40.26 15.52
N VAL A 336 -8.24 -40.02 14.81
CA VAL A 336 -8.15 -40.09 13.34
C VAL A 336 -8.22 -41.54 12.85
N ALA A 337 -7.61 -42.48 13.60
CA ALA A 337 -7.60 -43.90 13.28
C ALA A 337 -8.90 -44.58 13.71
N GLY A 338 -9.58 -43.97 14.69
CA GLY A 338 -10.86 -44.42 15.25
C GLY A 338 -11.96 -44.42 14.22
N PHE A 339 -12.04 -43.33 13.41
CA PHE A 339 -13.00 -43.19 12.32
C PHE A 339 -12.41 -43.99 11.15
N THR A 340 -12.50 -45.33 11.27
CA THR A 340 -11.98 -46.33 10.33
C THR A 340 -12.88 -46.55 9.13
N ASN A 341 -14.21 -46.45 9.31
CA ASN A 341 -15.17 -46.65 8.23
C ASN A 341 -15.09 -45.52 7.20
N SER A 342 -15.01 -44.26 7.66
CA SER A 342 -14.92 -43.09 6.79
C SER A 342 -13.57 -42.97 6.07
N LEU A 343 -12.44 -43.24 6.79
CA LEU A 343 -11.08 -43.17 6.27
C LEU A 343 -10.84 -44.21 5.17
N ARG A 344 -11.48 -45.39 5.29
CA ARG A 344 -11.39 -46.46 4.31
C ARG A 344 -12.16 -46.03 3.06
N MET A 345 -13.22 -45.19 3.25
CA MET A 345 -14.04 -44.65 2.18
C MET A 345 -13.28 -43.53 1.44
N LEU A 346 -12.20 -43.01 2.06
CA LEU A 346 -11.33 -41.99 1.46
C LEU A 346 -10.24 -42.69 0.65
N GLN A 347 -9.77 -43.88 1.10
CA GLN A 347 -8.76 -44.72 0.45
C GLN A 347 -9.35 -45.30 -0.84
N GLN A 348 -10.67 -45.62 -0.80
CA GLN A 348 -11.45 -46.17 -1.90
C GLN A 348 -11.89 -45.08 -2.90
N LYS A 349 -11.40 -43.83 -2.72
CA LYS A 349 -11.64 -42.64 -3.54
C LYS A 349 -13.13 -42.29 -3.74
N ARG A 350 -13.92 -42.40 -2.65
CA ARG A 350 -15.36 -42.09 -2.61
C ARG A 350 -15.55 -41.01 -1.55
N TRP A 351 -15.62 -39.74 -2.01
CA TRP A 351 -15.75 -38.57 -1.14
C TRP A 351 -17.14 -38.34 -0.55
N ASP A 352 -18.20 -38.42 -1.38
CA ASP A 352 -19.59 -38.22 -0.95
C ASP A 352 -20.08 -39.20 0.13
N GLU A 353 -19.76 -40.51 -0.01
CA GLU A 353 -20.14 -41.58 0.93
C GLU A 353 -19.41 -41.46 2.28
N ALA A 354 -18.16 -40.96 2.25
CA ALA A 354 -17.32 -40.75 3.44
C ALA A 354 -17.81 -39.53 4.23
N ALA A 355 -18.17 -38.42 3.54
CA ALA A 355 -18.67 -37.16 4.11
C ALA A 355 -19.99 -37.34 4.88
N VAL A 356 -20.82 -38.31 4.44
CA VAL A 356 -22.10 -38.63 5.08
C VAL A 356 -21.79 -39.39 6.38
N ASN A 357 -20.89 -40.40 6.31
CA ASN A 357 -20.44 -41.21 7.45
C ASN A 357 -19.73 -40.32 8.48
N LEU A 358 -19.09 -39.23 8.02
CA LEU A 358 -18.41 -38.25 8.84
C LEU A 358 -19.42 -37.24 9.42
N ALA A 359 -20.57 -37.01 8.72
CA ALA A 359 -21.63 -36.08 9.16
C ALA A 359 -22.35 -36.60 10.41
N LYS A 360 -22.33 -37.93 10.60
CA LYS A 360 -22.94 -38.62 11.73
C LYS A 360 -21.82 -39.22 12.61
N SER A 361 -21.11 -38.35 13.33
CA SER A 361 -19.99 -38.73 14.19
C SER A 361 -19.99 -37.94 15.50
N ARG A 362 -19.25 -38.45 16.52
CA ARG A 362 -19.08 -37.83 17.83
C ARG A 362 -18.31 -36.51 17.73
N TRP A 363 -17.42 -36.38 16.70
CA TRP A 363 -16.62 -35.19 16.41
C TRP A 363 -17.54 -34.06 15.88
N TYR A 364 -18.44 -34.41 14.91
CA TYR A 364 -19.41 -33.48 14.31
C TYR A 364 -20.30 -32.84 15.38
N ASN A 365 -20.78 -33.65 16.34
CA ASN A 365 -21.64 -33.18 17.42
C ASN A 365 -20.85 -32.37 18.44
N GLN A 366 -19.57 -32.73 18.68
CA GLN A 366 -18.67 -32.06 19.63
C GLN A 366 -18.36 -30.65 19.12
N THR A 367 -17.68 -30.53 17.97
CA THR A 367 -17.35 -29.26 17.34
C THR A 367 -18.22 -28.95 16.11
N PRO A 368 -19.27 -28.10 16.24
CA PRO A 368 -20.25 -27.95 15.14
C PRO A 368 -19.95 -27.01 13.96
N ASN A 369 -19.15 -25.94 14.17
CA ASN A 369 -18.79 -24.94 13.16
C ASN A 369 -17.46 -25.29 12.48
N ARG A 370 -16.72 -26.28 13.01
CA ARG A 370 -15.41 -26.64 12.44
C ARG A 370 -15.49 -27.89 11.62
N ALA A 371 -16.28 -28.86 12.09
CA ALA A 371 -16.42 -30.17 11.47
C ALA A 371 -16.78 -30.08 10.01
N LYS A 372 -17.90 -29.39 9.71
CA LYS A 372 -18.49 -29.17 8.38
C LYS A 372 -17.52 -28.51 7.39
N ARG A 373 -16.61 -27.61 7.87
CA ARG A 373 -15.62 -26.95 7.02
C ARG A 373 -14.55 -27.92 6.53
N VAL A 374 -14.30 -29.00 7.32
CA VAL A 374 -13.33 -30.08 7.03
C VAL A 374 -14.00 -31.10 6.09
N ILE A 375 -15.29 -31.41 6.36
CA ILE A 375 -16.14 -32.35 5.62
C ILE A 375 -16.29 -31.91 4.17
N THR A 376 -16.67 -30.63 3.95
CA THR A 376 -16.85 -30.04 2.63
C THR A 376 -15.51 -29.92 1.90
N THR A 377 -14.42 -29.60 2.62
CA THR A 377 -13.09 -29.50 2.04
C THR A 377 -12.56 -30.89 1.67
N PHE A 378 -12.93 -31.95 2.44
CA PHE A 378 -12.52 -33.34 2.15
C PHE A 378 -13.17 -33.79 0.83
N ARG A 379 -14.51 -33.58 0.72
CA ARG A 379 -15.34 -33.90 -0.45
C ARG A 379 -14.87 -33.15 -1.69
N THR A 380 -14.51 -31.84 -1.52
CA THR A 380 -14.03 -30.97 -2.60
C THR A 380 -12.64 -30.40 -2.24
N TRP A 383 -10.32 -26.21 -1.65
CA TRP A 383 -10.16 -25.05 -0.76
C TRP A 383 -11.39 -24.18 -0.67
N ASP A 384 -12.36 -24.37 -1.59
CA ASP A 384 -13.61 -23.62 -1.70
C ASP A 384 -14.31 -23.31 -0.36
N ALA A 385 -14.32 -24.27 0.58
CA ALA A 385 -14.95 -24.10 1.90
C ALA A 385 -14.24 -23.11 2.82
N TYR A 386 -12.99 -22.74 2.48
CA TYR A 386 -12.16 -21.80 3.21
C TYR A 386 -11.78 -20.60 2.34
N GLY A 387 -11.86 -19.40 2.94
CA GLY A 387 -11.55 -18.14 2.27
C GLY A 387 -10.08 -17.97 1.98
N LEU A 389 -9.38 -14.69 0.65
CA LEU A 389 -9.59 -13.88 1.84
C LEU A 389 -8.31 -13.21 2.33
N THR A 390 -7.15 -13.83 2.08
CA THR A 390 -5.84 -13.31 2.48
C THR A 390 -4.93 -13.18 1.26
N HIS A 391 -4.98 -14.14 0.31
CA HIS A 391 -4.20 -14.13 -0.92
C HIS A 391 -4.52 -12.86 -1.71
N ARG A 392 -5.83 -12.59 -1.92
CA ARG A 392 -6.32 -11.42 -2.66
C ARG A 392 -6.01 -10.05 -2.07
N ARG A 393 -6.04 -9.94 -0.72
CA ARG A 393 -5.73 -8.70 0.01
C ARG A 393 -4.21 -8.41 0.03
N LYS A 394 -3.40 -9.47 0.14
CA LYS A 394 -1.94 -9.41 0.13
C LYS A 394 -1.53 -9.11 -1.32
N LEU A 395 -2.38 -9.48 -2.29
CA LEU A 395 -2.16 -9.25 -3.72
C LEU A 395 -2.59 -7.84 -4.13
N ARG A 396 -3.79 -7.38 -3.67
CA ARG A 396 -4.29 -6.03 -3.97
C ARG A 396 -3.38 -4.99 -3.33
N ALA A 397 -3.01 -5.20 -2.07
CA ALA A 397 -2.11 -4.33 -1.33
C ALA A 397 -0.70 -4.30 -1.97
N ALA A 398 -0.30 -5.38 -2.69
CA ALA A 398 0.99 -5.44 -3.38
C ALA A 398 0.91 -4.65 -4.67
N TRP A 399 -0.34 -4.42 -5.15
CA TRP A 399 -0.60 -3.68 -6.37
C TRP A 399 -0.88 -2.18 -6.14
N VAL A 400 -1.29 -1.78 -4.92
CA VAL A 400 -1.51 -0.34 -4.67
C VAL A 400 -0.12 0.27 -4.50
N ALA A 401 0.74 -0.35 -3.65
CA ALA A 401 2.13 0.08 -3.39
C ALA A 401 3.07 -0.12 -4.60
N GLY A 402 2.67 -0.99 -5.54
CA GLY A 402 3.40 -1.29 -6.76
C GLY A 402 3.18 -0.21 -7.80
N GLY A 403 1.93 0.18 -7.96
CA GLY A 403 1.53 1.24 -8.88
C GLY A 403 1.91 2.60 -8.32
N ALA A 404 1.89 2.72 -6.96
CA ALA A 404 2.24 3.94 -6.24
C ALA A 404 3.70 4.22 -6.42
N LEU A 405 4.51 3.17 -6.58
CA LEU A 405 5.93 3.34 -6.80
C LEU A 405 6.22 3.88 -8.21
N LEU A 406 5.51 3.35 -9.22
CA LEU A 406 5.69 3.75 -10.61
C LEU A 406 5.06 5.11 -10.99
N THR A 407 4.02 5.57 -10.26
CA THR A 407 3.43 6.88 -10.58
C THR A 407 4.38 7.98 -10.08
N LEU A 408 5.16 7.66 -9.02
CA LEU A 408 6.14 8.56 -8.42
C LEU A 408 7.39 8.57 -9.25
N LEU A 409 7.66 7.50 -9.99
CA LEU A 409 8.86 7.43 -10.81
C LEU A 409 8.63 7.84 -12.26
N LEU A 410 7.34 7.90 -12.71
CA LEU A 410 7.00 8.28 -14.09
C LEU A 410 6.36 9.68 -14.16
N CYS A 411 5.63 10.12 -13.13
CA CYS A 411 5.06 11.46 -13.10
C CYS A 411 5.87 12.50 -12.37
N VAL A 412 5.79 12.44 -11.04
CA VAL A 412 6.55 13.27 -10.09
C VAL A 412 8.07 13.18 -10.25
N GLY A 413 8.57 11.97 -10.45
CA GLY A 413 9.99 11.62 -10.60
C GLY A 413 10.79 12.46 -11.57
N PRO A 414 10.58 12.29 -12.91
CA PRO A 414 11.35 13.08 -13.89
C PRO A 414 11.46 14.58 -13.58
N TYR A 415 10.37 15.15 -13.05
CA TYR A 415 10.31 16.55 -12.67
C TYR A 415 11.33 16.77 -11.57
N ASN A 416 11.15 16.07 -10.42
CA ASN A 416 11.98 16.11 -9.19
C ASN A 416 13.48 15.89 -9.46
N ALA A 417 13.82 15.17 -10.56
CA ALA A 417 15.17 14.84 -11.04
C ALA A 417 15.79 16.03 -11.77
N SER A 418 14.97 16.97 -12.24
CA SER A 418 15.45 18.17 -12.92
C SER A 418 15.86 19.22 -11.90
N ASN A 419 15.29 19.16 -10.69
CA ASN A 419 15.65 20.10 -9.61
C ASN A 419 17.01 19.71 -9.02
N VAL A 420 17.61 18.62 -9.56
CA VAL A 420 18.91 18.05 -9.19
C VAL A 420 19.90 18.40 -10.32
N ALA A 421 19.60 17.92 -11.55
CA ALA A 421 20.41 18.12 -12.75
C ALA A 421 20.64 19.59 -13.12
N SER A 422 19.61 20.46 -12.97
CA SER A 422 19.73 21.89 -13.27
C SER A 422 20.53 22.57 -12.13
N PHE A 423 20.41 22.04 -10.89
CA PHE A 423 21.09 22.52 -9.70
C PHE A 423 22.60 22.27 -9.81
N LEU A 424 23.00 21.02 -10.09
CA LEU A 424 24.41 20.64 -10.22
C LEU A 424 25.03 21.20 -11.51
N TYR A 425 24.33 21.04 -12.65
CA TYR A 425 24.78 21.54 -13.95
C TYR A 425 23.90 22.75 -14.31
N PRO A 426 24.38 24.00 -14.13
CA PRO A 426 23.53 25.16 -14.43
C PRO A 426 23.38 25.51 -15.91
N ASN A 427 24.25 24.94 -16.77
CA ASN A 427 24.26 25.18 -18.22
C ASN A 427 22.95 24.79 -18.94
N LEU A 428 22.29 23.72 -18.45
CA LEU A 428 21.04 23.15 -18.98
C LEU A 428 19.88 24.15 -19.00
N GLY A 429 19.20 24.20 -20.14
CA GLY A 429 18.06 25.08 -20.38
C GLY A 429 16.76 24.61 -19.73
N GLY A 430 15.73 25.44 -19.89
CA GLY A 430 14.39 25.21 -19.38
C GLY A 430 13.59 24.16 -20.12
N SER A 431 14.13 23.67 -21.27
CA SER A 431 13.55 22.64 -22.14
C SER A 431 13.38 21.32 -21.42
N TRP A 432 14.28 21.01 -20.48
CA TRP A 432 14.26 19.80 -19.68
C TRP A 432 13.13 19.90 -18.64
N ARG A 433 13.13 21.00 -17.83
CA ARG A 433 12.16 21.29 -16.78
C ARG A 433 10.74 21.53 -17.34
N LYS A 434 10.61 22.00 -18.59
CA LYS A 434 9.31 22.23 -19.22
C LYS A 434 8.62 20.89 -19.42
N LEU A 435 9.38 19.87 -19.91
CA LEU A 435 8.90 18.50 -20.11
C LEU A 435 8.79 17.82 -18.73
N GLY A 436 9.66 18.21 -17.80
CA GLY A 436 9.69 17.71 -16.43
C GLY A 436 8.40 18.06 -15.72
N LEU A 437 8.00 19.35 -15.82
CA LEU A 437 6.77 19.91 -15.27
C LEU A 437 5.54 19.41 -16.07
N ILE A 438 5.79 18.76 -17.24
CA ILE A 438 4.76 18.19 -18.11
C ILE A 438 4.46 16.77 -17.64
N THR A 439 5.52 15.95 -17.36
CA THR A 439 5.39 14.58 -16.84
C THR A 439 4.77 14.67 -15.42
N GLY A 440 5.29 15.63 -14.63
CA GLY A 440 4.80 15.94 -13.28
C GLY A 440 3.33 16.28 -13.27
N ALA A 441 2.84 16.95 -14.34
CA ALA A 441 1.44 17.32 -14.51
C ALA A 441 0.58 16.11 -14.91
N TRP A 442 1.20 15.06 -15.51
CA TRP A 442 0.46 13.88 -15.93
C TRP A 442 0.28 12.92 -14.76
N SER A 443 0.46 13.47 -13.56
CA SER A 443 0.30 12.79 -12.29
C SER A 443 -1.19 12.70 -12.02
N VAL A 444 -1.93 13.79 -12.33
CA VAL A 444 -3.39 13.94 -12.13
C VAL A 444 -4.22 12.83 -12.78
N VAL A 445 -3.73 12.20 -13.89
CA VAL A 445 -4.37 11.12 -14.64
C VAL A 445 -3.91 9.75 -14.11
N LEU A 446 -2.59 9.62 -13.84
CA LEU A 446 -1.95 8.40 -13.37
C LEU A 446 -2.27 8.01 -11.92
N ASN A 447 -2.21 8.97 -10.97
CA ASN A 447 -2.48 8.80 -9.53
C ASN A 447 -3.82 8.17 -9.20
N PRO A 448 -4.97 8.63 -9.77
CA PRO A 448 -6.24 7.99 -9.41
C PRO A 448 -6.35 6.56 -9.93
N LEU A 449 -5.62 6.25 -11.03
CA LEU A 449 -5.60 4.91 -11.64
C LEU A 449 -4.94 3.89 -10.71
N VAL A 450 -3.96 4.35 -9.90
CA VAL A 450 -3.21 3.56 -8.91
C VAL A 450 -4.14 3.13 -7.77
N THR A 451 -4.88 4.10 -7.19
CA THR A 451 -5.83 3.91 -6.10
C THR A 451 -7.08 3.12 -6.55
N GLY A 452 -7.57 3.39 -7.76
CA GLY A 452 -8.75 2.74 -8.34
C GLY A 452 -8.54 1.46 -9.11
N TYR A 453 -7.44 0.73 -8.85
CA TYR A 453 -7.17 -0.54 -9.53
C TYR A 453 -6.77 -1.65 -8.57
#